data_4R5F
#
_entry.id   4R5F
#
_cell.length_a   70.620
_cell.length_b   102.890
_cell.length_c   108.590
_cell.angle_alpha   90.00
_cell.angle_beta   90.00
_cell.angle_gamma   90.00
#
_symmetry.space_group_name_H-M   'C 2 2 21'
#
loop_
_entity.id
_entity.type
_entity.pdbx_description
1 polymer 'Cysteine desulfurase IscS 2'
2 non-polymer 'CALCIUM ION'
3 non-polymer 'CHLORIDE ION'
4 non-polymer "4'-DEOXY-4'-AMINOPYRIDOXAL-5'-PHOSPHATE"
5 non-polymer 'TETRAETHYLENE GLYCOL'
6 non-polymer 'ACETATE ION'
7 water water
#
_entity_poly.entity_id   1
_entity_poly.type   'polypeptide(L)'
_entity_poly.pdbx_seq_one_letter_code
;MAYFDYTSAKPVDERILEAMLPYMTESFGNPSSVHSYGFKAREAVQEAREKVAKLVNGGGGTVVFTSGATEANNLAIIGY
AMRNARKGKHILVSAVEHMSVINPAKFLQKQGFEVEYIPVGKYGEVDVSFIDQKLRDDTILVSVQHANNEIGTIQPVEEI
SEVLAGKAALHIDATASVGQIEVDVEKIGADMLTISSNKIYGPKGVGALWIRKEAKLQPVILGGGQENGLRSGSENVPSI
VGFGKAAEITAMEWREEAERLRRLRDRIIDNVLKIEESYLNGHPEKRLPNNVNVRFSYIEGESIVLSLDMAGIQASTGSA
CSSKTLQPSHVLMACGLKHEEAHGTLLLTLGRYNTDEDVDRLLEVLPGVIERLRSMSPLYRR
;
_entity_poly.pdbx_strand_id   A
#
# COMPACT_ATOMS: atom_id res chain seq x y z
N ALA A 2 -13.14 4.21 18.97
CA ALA A 2 -13.32 3.38 17.78
C ALA A 2 -12.41 3.83 16.65
N TYR A 3 -11.49 2.97 16.22
CA TYR A 3 -10.43 3.38 15.31
C TYR A 3 -10.68 2.94 13.88
N PHE A 4 -10.89 3.93 13.00
CA PHE A 4 -11.18 3.69 11.60
C PHE A 4 -10.13 4.39 10.77
N ASP A 5 -8.87 4.27 11.19
CA ASP A 5 -7.78 4.91 10.46
C ASP A 5 -6.64 3.92 10.25
N TYR A 6 -7.01 2.69 9.92
CA TYR A 6 -6.02 1.64 9.69
C TYR A 6 -5.09 1.92 8.53
N THR A 7 -5.48 2.69 7.52
N THR A 7 -5.53 2.75 7.60
CA THR A 7 -4.53 2.89 6.42
CA THR A 7 -4.69 3.08 6.45
C THR A 7 -3.49 3.96 6.72
C THR A 7 -3.43 3.83 6.92
N SER A 8 -3.58 4.56 7.91
N SER A 8 -3.57 4.66 7.94
CA SER A 8 -2.54 5.48 8.38
CA SER A 8 -2.45 5.48 8.38
C SER A 8 -1.55 4.76 9.30
C SER A 8 -1.48 4.65 9.22
N ALA A 9 -2.01 3.69 9.96
CA ALA A 9 -1.20 2.98 10.96
C ALA A 9 -1.99 1.83 11.54
N LYS A 10 -1.34 0.69 11.76
CA LYS A 10 -2.01 -0.46 12.35
C LYS A 10 -1.28 -0.92 13.58
N PRO A 11 -1.97 -1.62 14.48
CA PRO A 11 -1.28 -2.23 15.61
C PRO A 11 -0.49 -3.47 15.21
N VAL A 12 0.58 -3.74 15.95
CA VAL A 12 1.36 -4.96 15.70
C VAL A 12 0.61 -6.08 16.38
N ASP A 13 0.32 -7.12 15.61
CA ASP A 13 -0.36 -8.30 16.11
C ASP A 13 0.47 -8.86 17.25
N GLU A 14 -0.16 -9.24 18.36
CA GLU A 14 0.57 -9.78 19.52
C GLU A 14 1.42 -11.01 19.18
N ARG A 15 0.96 -11.80 18.21
CA ARG A 15 1.71 -12.97 17.77
C ARG A 15 3.01 -12.60 17.08
N ILE A 16 2.98 -11.45 16.42
CA ILE A 16 4.12 -10.98 15.67
C ILE A 16 5.15 -10.43 16.65
N LEU A 17 4.66 -9.65 17.61
CA LEU A 17 5.52 -9.14 18.64
C LEU A 17 6.28 -10.29 19.34
N GLU A 18 5.54 -11.34 19.69
CA GLU A 18 6.10 -12.48 20.38
C GLU A 18 7.27 -13.06 19.59
N ALA A 19 7.13 -13.13 18.27
CA ALA A 19 8.17 -13.70 17.43
C ALA A 19 9.41 -12.81 17.36
N MET A 20 9.20 -11.50 17.50
CA MET A 20 10.25 -10.49 17.33
C MET A 20 11.19 -10.40 18.48
N LEU A 21 10.63 -10.55 19.67
CA LEU A 21 11.27 -10.13 20.88
C LEU A 21 12.60 -10.83 21.12
N PRO A 22 12.66 -12.15 20.86
CA PRO A 22 13.93 -12.85 21.11
C PRO A 22 15.11 -12.26 20.35
N TYR A 23 14.84 -11.58 19.25
CA TYR A 23 15.92 -11.05 18.44
C TYR A 23 16.39 -9.65 18.89
N MET A 24 15.59 -9.02 19.76
N MET A 24 15.68 -9.06 19.85
CA MET A 24 15.93 -7.73 20.32
CA MET A 24 16.08 -7.76 20.37
C MET A 24 17.10 -7.88 21.26
C MET A 24 17.14 -7.85 21.47
N THR A 25 16.93 -8.75 22.25
N THR A 25 16.97 -8.76 22.42
CA THR A 25 17.84 -8.84 23.38
CA THR A 25 17.88 -8.83 23.56
C THR A 25 18.70 -10.12 23.42
C THR A 25 18.57 -10.18 23.80
N GLU A 26 18.07 -11.29 23.25
CA GLU A 26 18.73 -12.59 23.39
CA GLU A 26 18.78 -12.55 23.41
C GLU A 26 19.59 -12.96 22.18
N SER A 27 18.97 -13.05 21.03
CA SER A 27 19.63 -13.47 19.82
C SER A 27 19.80 -12.27 18.87
N PHE A 28 20.77 -11.41 19.20
CA PHE A 28 20.86 -10.04 18.65
C PHE A 28 21.96 -9.91 17.60
N GLY A 29 22.43 -11.05 17.12
CA GLY A 29 23.54 -11.03 16.19
C GLY A 29 23.30 -10.31 14.89
N ASN A 30 24.41 -9.87 14.29
CA ASN A 30 24.47 -9.33 12.94
C ASN A 30 24.62 -10.47 11.93
N PRO A 31 23.70 -10.56 10.96
CA PRO A 31 23.79 -11.69 9.99
C PRO A 31 25.08 -11.76 9.21
N SER A 32 25.85 -10.68 9.18
CA SER A 32 27.09 -10.70 8.43
C SER A 32 28.22 -11.30 9.27
N SER A 33 28.01 -11.46 10.57
CA SER A 33 29.06 -11.91 11.50
C SER A 33 29.28 -13.43 11.31
N VAL A 34 30.51 -13.91 11.45
N VAL A 34 30.52 -13.87 11.42
CA VAL A 34 30.83 -15.30 11.15
CA VAL A 34 30.85 -15.24 11.18
C VAL A 34 31.08 -16.04 12.45
C VAL A 34 31.13 -15.89 12.53
N HIS A 35 30.05 -16.09 13.27
CA HIS A 35 30.08 -16.84 14.50
C HIS A 35 28.64 -17.23 14.78
N SER A 36 28.42 -18.01 15.82
CA SER A 36 27.11 -18.60 16.04
C SER A 36 25.97 -17.57 16.14
N TYR A 37 26.24 -16.40 16.72
CA TYR A 37 25.20 -15.38 16.82
C TYR A 37 24.88 -14.86 15.43
N GLY A 38 25.91 -14.65 14.63
CA GLY A 38 25.72 -14.26 13.25
C GLY A 38 24.87 -15.29 12.49
N PHE A 39 25.18 -16.57 12.67
CA PHE A 39 24.51 -17.62 11.90
C PHE A 39 23.03 -17.65 12.19
N LYS A 40 22.68 -17.60 13.48
CA LYS A 40 21.26 -17.62 13.85
C LYS A 40 20.53 -16.42 13.24
N ALA A 41 21.15 -15.25 13.24
CA ALA A 41 20.52 -14.06 12.68
C ALA A 41 20.29 -14.23 11.19
N ARG A 42 21.28 -14.78 10.51
CA ARG A 42 21.19 -14.99 9.08
C ARG A 42 20.08 -15.98 8.75
N GLU A 43 19.94 -17.01 9.58
N GLU A 43 19.93 -17.01 9.57
CA GLU A 43 18.91 -18.04 9.38
CA GLU A 43 18.91 -18.04 9.35
C GLU A 43 17.52 -17.46 9.59
C GLU A 43 17.52 -17.45 9.58
N ALA A 44 17.41 -16.59 10.58
CA ALA A 44 16.15 -15.91 10.86
C ALA A 44 15.77 -15.04 9.68
N VAL A 45 16.73 -14.30 9.15
CA VAL A 45 16.44 -13.40 8.04
C VAL A 45 16.01 -14.18 6.80
N GLN A 46 16.71 -15.29 6.50
N GLN A 46 16.67 -15.32 6.55
CA GLN A 46 16.41 -16.09 5.31
CA GLN A 46 16.33 -16.17 5.42
C GLN A 46 15.01 -16.64 5.39
C GLN A 46 14.91 -16.68 5.51
N GLU A 47 14.66 -17.14 6.56
N GLU A 47 14.55 -17.14 6.70
CA GLU A 47 13.34 -17.68 6.81
CA GLU A 47 13.26 -17.75 6.92
C GLU A 47 12.30 -16.61 6.53
C GLU A 47 12.12 -16.74 6.87
N ALA A 48 12.44 -15.49 7.23
CA ALA A 48 11.50 -14.38 7.10
C ALA A 48 11.33 -14.00 5.64
N ARG A 49 12.44 -13.97 4.93
CA ARG A 49 12.46 -13.64 3.53
C ARG A 49 11.58 -14.61 2.74
N GLU A 50 11.72 -15.91 3.04
N GLU A 50 11.70 -15.91 3.01
CA GLU A 50 10.91 -16.94 2.39
CA GLU A 50 10.93 -16.88 2.23
C GLU A 50 9.41 -16.73 2.63
C GLU A 50 9.43 -16.82 2.56
N LYS A 51 9.05 -16.41 3.87
N LYS A 51 9.11 -16.45 3.80
CA LYS A 51 7.66 -16.21 4.27
CA LYS A 51 7.72 -16.22 4.20
C LYS A 51 7.01 -15.02 3.57
C LYS A 51 7.08 -15.09 3.42
N VAL A 52 7.79 -13.98 3.30
CA VAL A 52 7.29 -12.84 2.54
C VAL A 52 7.12 -13.18 1.08
N ALA A 53 8.09 -13.86 0.50
CA ALA A 53 8.00 -14.29 -0.90
C ALA A 53 6.79 -15.21 -1.10
N LYS A 54 6.61 -16.17 -0.20
CA LYS A 54 5.55 -17.15 -0.33
CA LYS A 54 5.55 -17.15 -0.34
C LYS A 54 4.16 -16.50 -0.33
N LEU A 55 4.00 -15.49 0.51
CA LEU A 55 2.75 -14.75 0.60
C LEU A 55 2.27 -14.21 -0.76
N VAL A 56 3.19 -13.72 -1.59
CA VAL A 56 2.80 -13.16 -2.87
C VAL A 56 3.14 -14.03 -4.08
N ASN A 57 3.41 -15.30 -3.79
CA ASN A 57 3.77 -16.30 -4.79
C ASN A 57 5.01 -15.87 -5.58
N GLY A 58 6.04 -15.41 -4.87
CA GLY A 58 7.15 -14.69 -5.48
C GLY A 58 8.42 -15.53 -5.69
N GLY A 59 8.24 -16.83 -5.85
CA GLY A 59 9.33 -17.73 -6.18
C GLY A 59 10.08 -17.35 -7.44
N GLY A 60 9.43 -16.63 -8.34
CA GLY A 60 10.09 -16.18 -9.55
C GLY A 60 10.90 -14.90 -9.40
N GLY A 61 11.24 -14.52 -8.17
CA GLY A 61 12.03 -13.32 -7.96
C GLY A 61 12.60 -13.30 -6.56
N THR A 62 13.06 -12.13 -6.13
N THR A 62 13.08 -12.14 -6.12
CA THR A 62 13.78 -11.96 -4.88
CA THR A 62 13.73 -12.03 -4.82
C THR A 62 13.13 -10.85 -4.04
C THR A 62 13.21 -10.85 -4.03
N VAL A 63 12.97 -11.10 -2.75
CA VAL A 63 12.56 -10.08 -1.82
C VAL A 63 13.77 -9.24 -1.36
N VAL A 64 13.66 -7.91 -1.48
CA VAL A 64 14.63 -6.97 -0.94
C VAL A 64 14.00 -6.24 0.24
N PHE A 65 14.57 -6.42 1.42
CA PHE A 65 14.08 -5.70 2.59
C PHE A 65 14.47 -4.22 2.60
N THR A 66 13.52 -3.41 3.03
CA THR A 66 13.70 -1.98 3.12
C THR A 66 13.20 -1.46 4.46
N SER A 67 13.30 -0.16 4.65
CA SER A 67 12.76 0.46 5.84
C SER A 67 11.25 0.70 5.74
N GLY A 68 10.61 0.26 4.66
CA GLY A 68 9.17 0.43 4.49
C GLY A 68 8.75 0.65 3.05
N ALA A 69 7.46 0.86 2.85
CA ALA A 69 6.95 1.01 1.51
C ALA A 69 7.55 2.22 0.79
N THR A 70 7.81 3.32 1.51
CA THR A 70 8.30 4.53 0.85
C THR A 70 9.66 4.27 0.24
N GLU A 71 10.58 3.72 1.03
N GLU A 71 10.57 3.71 1.03
CA GLU A 71 11.90 3.36 0.51
CA GLU A 71 11.88 3.37 0.50
C GLU A 71 11.76 2.36 -0.66
C GLU A 71 11.76 2.36 -0.66
N ALA A 72 10.90 1.35 -0.50
CA ALA A 72 10.75 0.35 -1.57
C ALA A 72 10.23 0.97 -2.87
N ASN A 73 9.23 1.85 -2.77
CA ASN A 73 8.79 2.61 -3.94
C ASN A 73 9.88 3.47 -4.58
N ASN A 74 10.71 4.14 -3.76
CA ASN A 74 11.85 4.89 -4.29
C ASN A 74 12.80 3.96 -5.05
N LEU A 75 13.06 2.83 -4.46
CA LEU A 75 13.96 1.85 -5.06
C LEU A 75 13.39 1.38 -6.39
N ALA A 76 12.09 1.03 -6.42
CA ALA A 76 11.47 0.57 -7.66
C ALA A 76 11.56 1.63 -8.74
N ILE A 77 11.17 2.86 -8.45
CA ILE A 77 11.10 3.88 -9.47
C ILE A 77 12.48 4.37 -9.88
N ILE A 78 13.26 4.82 -8.88
CA ILE A 78 14.53 5.39 -9.22
C ILE A 78 15.56 4.29 -9.53
N GLY A 79 15.56 3.22 -8.74
CA GLY A 79 16.50 2.12 -8.95
C GLY A 79 16.34 1.48 -10.31
N TYR A 80 15.11 1.18 -10.72
CA TYR A 80 14.94 0.54 -12.02
C TYR A 80 15.22 1.51 -13.14
N ALA A 81 14.75 2.73 -12.99
CA ALA A 81 14.83 3.68 -14.11
C ALA A 81 16.28 4.05 -14.40
N MET A 82 17.06 4.27 -13.35
CA MET A 82 18.45 4.69 -13.53
C MET A 82 19.26 3.54 -14.11
N ARG A 83 18.93 2.33 -13.67
CA ARG A 83 19.63 1.13 -14.12
C ARG A 83 19.36 0.75 -15.56
N ASN A 84 18.17 1.09 -16.05
CA ASN A 84 17.72 0.62 -17.36
C ASN A 84 17.54 1.75 -18.37
N ALA A 85 18.12 2.90 -18.06
CA ALA A 85 17.86 4.11 -18.85
C ALA A 85 18.41 3.99 -20.27
N ARG A 86 19.40 3.12 -20.47
CA ARG A 86 19.91 2.88 -21.83
C ARG A 86 18.86 2.24 -22.77
N LYS A 87 17.83 1.62 -22.20
CA LYS A 87 16.79 0.97 -23.01
C LYS A 87 15.67 1.95 -23.38
N GLY A 88 15.70 3.13 -22.76
CA GLY A 88 14.71 4.16 -23.00
C GLY A 88 14.53 4.91 -21.71
N LYS A 89 13.83 6.05 -21.76
CA LYS A 89 13.66 6.93 -20.60
C LYS A 89 12.21 7.43 -20.50
N HIS A 90 11.31 6.74 -21.20
CA HIS A 90 9.88 7.00 -21.07
C HIS A 90 9.32 6.14 -19.95
N ILE A 91 8.55 6.79 -19.09
CA ILE A 91 8.00 6.16 -17.92
C ILE A 91 6.52 6.55 -17.80
N LEU A 92 5.67 5.58 -17.45
CA LEU A 92 4.26 5.83 -17.25
C LEU A 92 3.92 5.57 -15.79
N VAL A 93 3.30 6.57 -15.17
CA VAL A 93 2.95 6.51 -13.75
C VAL A 93 1.46 6.90 -13.56
N SER A 94 0.71 6.15 -12.76
CA SER A 94 -0.72 6.48 -12.66
C SER A 94 -0.88 7.78 -11.90
N ALA A 95 -1.96 8.49 -12.21
CA ALA A 95 -2.22 9.80 -11.63
C ALA A 95 -2.60 9.73 -10.16
N VAL A 96 -2.92 8.53 -9.69
CA VAL A 96 -3.40 8.35 -8.33
C VAL A 96 -2.41 7.57 -7.44
N GLU A 97 -1.18 7.37 -7.93
CA GLU A 97 -0.10 6.78 -7.10
C GLU A 97 0.15 7.55 -5.81
N HIS A 98 0.64 6.81 -4.83
CA HIS A 98 1.12 7.38 -3.57
C HIS A 98 2.25 8.34 -3.87
N MET A 99 2.43 9.35 -3.02
CA MET A 99 3.47 10.35 -3.24
C MET A 99 4.89 9.73 -3.21
N SER A 100 5.01 8.58 -2.59
CA SER A 100 6.31 7.89 -2.57
C SER A 100 6.63 7.22 -3.90
N VAL A 101 5.68 7.24 -4.83
CA VAL A 101 5.95 6.95 -6.24
C VAL A 101 6.02 8.23 -7.07
N ILE A 102 5.09 9.16 -6.86
CA ILE A 102 5.06 10.43 -7.62
CA ILE A 102 5.10 10.36 -7.70
C ILE A 102 6.33 11.26 -7.45
N ASN A 103 6.76 11.45 -6.23
CA ASN A 103 7.89 12.35 -6.04
C ASN A 103 9.21 11.77 -6.59
N PRO A 104 9.42 10.46 -6.45
CA PRO A 104 10.53 9.86 -7.21
C PRO A 104 10.39 10.02 -8.73
N ALA A 105 9.16 9.91 -9.26
CA ALA A 105 8.95 10.14 -10.69
C ALA A 105 9.34 11.56 -11.05
N LYS A 106 8.96 12.49 -10.20
CA LYS A 106 9.28 13.90 -10.45
C LYS A 106 10.79 14.14 -10.39
N PHE A 107 11.45 13.45 -9.48
CA PHE A 107 12.90 13.49 -9.41
C PHE A 107 13.46 13.03 -10.75
N LEU A 108 12.92 11.93 -11.29
CA LEU A 108 13.41 11.46 -12.60
C LEU A 108 13.15 12.44 -13.73
N GLN A 109 12.01 13.14 -13.69
CA GLN A 109 11.77 14.18 -14.69
C GLN A 109 12.91 15.19 -14.67
N LYS A 110 13.45 15.47 -13.49
CA LYS A 110 14.55 16.42 -13.39
C LYS A 110 15.84 15.80 -13.89
N GLN A 111 15.88 14.48 -13.94
CA GLN A 111 17.06 13.75 -14.43
C GLN A 111 16.97 13.45 -15.92
N GLY A 112 15.93 13.98 -16.56
CA GLY A 112 15.81 13.85 -18.00
C GLY A 112 14.89 12.73 -18.46
N PHE A 113 14.21 12.07 -17.54
CA PHE A 113 13.23 11.07 -17.93
C PHE A 113 11.93 11.75 -18.33
N GLU A 114 11.27 11.14 -19.32
CA GLU A 114 9.96 11.59 -19.78
C GLU A 114 8.91 10.85 -19.00
N VAL A 115 8.28 11.54 -18.05
CA VAL A 115 7.27 10.93 -17.21
C VAL A 115 5.90 11.40 -17.67
N GLU A 116 5.03 10.46 -17.99
CA GLU A 116 3.70 10.76 -18.52
C GLU A 116 2.72 10.14 -17.54
N TYR A 117 1.77 10.92 -17.04
CA TYR A 117 0.90 10.39 -15.98
C TYR A 117 -0.34 9.74 -16.57
N ILE A 118 -0.68 8.55 -16.09
CA ILE A 118 -1.84 7.84 -16.64
C ILE A 118 -3.14 8.36 -16.02
N PRO A 119 -4.04 8.85 -16.86
CA PRO A 119 -5.28 9.37 -16.28
C PRO A 119 -6.19 8.27 -15.72
N VAL A 120 -7.09 8.66 -14.84
CA VAL A 120 -8.10 7.76 -14.31
C VAL A 120 -9.49 8.26 -14.65
N GLY A 121 -10.45 7.34 -14.67
CA GLY A 121 -11.85 7.70 -14.82
C GLY A 121 -12.47 8.16 -13.50
N LYS A 122 -13.79 8.31 -13.47
CA LYS A 122 -14.46 8.97 -12.35
C LYS A 122 -14.39 8.18 -11.03
N TYR A 123 -14.14 6.87 -11.09
CA TYR A 123 -14.00 6.05 -9.88
C TYR A 123 -12.54 5.78 -9.55
N GLY A 124 -11.64 6.42 -10.29
CA GLY A 124 -10.22 6.31 -10.02
C GLY A 124 -9.52 5.15 -10.70
N GLU A 125 -10.21 4.51 -11.64
N GLU A 125 -10.21 4.50 -11.63
CA GLU A 125 -9.63 3.40 -12.40
CA GLU A 125 -9.61 3.37 -12.35
C GLU A 125 -8.72 3.95 -13.48
C GLU A 125 -8.75 3.91 -13.49
N VAL A 126 -7.52 3.41 -13.60
CA VAL A 126 -6.61 3.90 -14.62
C VAL A 126 -7.16 3.52 -16.00
N ASP A 127 -6.82 4.35 -16.98
CA ASP A 127 -7.24 4.20 -18.34
C ASP A 127 -6.26 3.28 -19.05
N VAL A 128 -6.64 2.02 -19.24
CA VAL A 128 -5.73 1.04 -19.84
C VAL A 128 -5.52 1.34 -21.32
N SER A 129 -6.54 1.90 -21.99
CA SER A 129 -6.39 2.23 -23.41
C SER A 129 -5.33 3.35 -23.56
N PHE A 130 -5.23 4.21 -22.56
CA PHE A 130 -4.17 5.21 -22.53
C PHE A 130 -2.79 4.53 -22.51
N ILE A 131 -2.65 3.51 -21.69
CA ILE A 131 -1.36 2.85 -21.56
C ILE A 131 -0.99 2.18 -22.89
N ASP A 132 -1.95 1.49 -23.51
CA ASP A 132 -1.73 0.84 -24.79
C ASP A 132 -1.34 1.88 -25.86
N GLN A 133 -2.01 3.03 -25.84
N GLN A 133 -2.00 3.03 -25.84
CA GLN A 133 -1.76 4.06 -26.84
CA GLN A 133 -1.77 4.05 -26.86
C GLN A 133 -0.40 4.68 -26.66
C GLN A 133 -0.46 4.79 -26.66
N LYS A 134 -0.02 4.91 -25.41
CA LYS A 134 1.17 5.67 -25.09
C LYS A 134 2.41 4.82 -24.91
N LEU A 135 2.25 3.50 -24.94
CA LEU A 135 3.40 2.62 -24.81
C LEU A 135 4.28 2.74 -26.05
N ARG A 136 5.59 2.86 -25.85
CA ARG A 136 6.51 3.06 -26.96
C ARG A 136 7.68 2.10 -26.80
N ASP A 137 8.54 1.98 -27.81
CA ASP A 137 9.67 1.07 -27.69
C ASP A 137 10.73 1.60 -26.70
N ASP A 138 10.59 2.86 -26.27
CA ASP A 138 11.50 3.43 -25.29
C ASP A 138 10.84 3.63 -23.93
N THR A 139 9.63 3.08 -23.79
CA THR A 139 9.00 2.98 -22.49
C THR A 139 9.64 1.83 -21.73
N ILE A 140 10.25 2.12 -20.57
CA ILE A 140 10.97 1.10 -19.82
C ILE A 140 10.25 0.73 -18.55
N LEU A 141 9.33 1.59 -18.11
CA LEU A 141 8.70 1.35 -16.82
C LEU A 141 7.29 1.93 -16.76
N VAL A 142 6.39 1.19 -16.09
CA VAL A 142 5.01 1.57 -15.85
C VAL A 142 4.74 1.31 -14.39
N SER A 143 4.22 2.30 -13.64
CA SER A 143 3.88 2.09 -12.23
C SER A 143 2.40 2.35 -12.01
N VAL A 144 1.69 1.28 -11.64
CA VAL A 144 0.28 1.33 -11.35
C VAL A 144 0.05 0.53 -10.09
N GLN A 145 -0.50 1.18 -9.09
CA GLN A 145 -0.83 0.54 -7.84
C GLN A 145 -1.84 -0.57 -8.00
N HIS A 146 -1.79 -1.54 -7.10
CA HIS A 146 -2.74 -2.63 -7.17
C HIS A 146 -4.14 -2.10 -6.83
N ALA A 147 -4.17 -1.23 -5.83
CA ALA A 147 -5.41 -0.60 -5.39
C ALA A 147 -5.06 0.70 -4.68
N ASN A 148 -6.07 1.55 -4.55
CA ASN A 148 -5.88 2.88 -3.97
C ASN A 148 -6.28 2.92 -2.51
N ASN A 149 -5.38 3.35 -1.63
CA ASN A 149 -5.67 3.28 -0.19
C ASN A 149 -6.55 4.44 0.25
N GLU A 150 -6.76 5.42 -0.62
CA GLU A 150 -7.61 6.55 -0.21
C GLU A 150 -9.06 6.26 -0.57
N ILE A 151 -9.31 5.86 -1.83
CA ILE A 151 -10.68 5.71 -2.32
C ILE A 151 -11.03 4.23 -2.60
N GLY A 152 -10.08 3.33 -2.40
CA GLY A 152 -10.38 1.91 -2.33
C GLY A 152 -10.41 1.15 -3.65
N THR A 153 -10.39 1.87 -4.76
N THR A 153 -10.47 1.86 -4.77
CA THR A 153 -10.50 1.28 -6.10
CA THR A 153 -10.62 1.19 -6.06
C THR A 153 -9.38 0.31 -6.41
C THR A 153 -9.49 0.20 -6.33
N ILE A 154 -9.76 -0.86 -6.92
N ILE A 154 -9.83 -0.88 -7.02
CA ILE A 154 -8.81 -1.88 -7.34
CA ILE A 154 -8.88 -1.93 -7.37
C ILE A 154 -8.50 -1.64 -8.80
C ILE A 154 -8.51 -1.77 -8.84
N GLN A 155 -7.22 -1.65 -9.15
CA GLN A 155 -6.80 -1.35 -10.51
C GLN A 155 -6.74 -2.64 -11.35
N PRO A 156 -6.93 -2.51 -12.67
CA PRO A 156 -6.88 -3.68 -13.53
C PRO A 156 -5.45 -4.05 -13.95
N VAL A 157 -4.64 -4.46 -12.98
CA VAL A 157 -3.22 -4.71 -13.21
C VAL A 157 -2.99 -5.94 -14.13
N GLU A 158 -3.87 -6.92 -14.06
CA GLU A 158 -3.73 -8.14 -14.91
C GLU A 158 -3.89 -7.72 -16.36
N GLU A 159 -4.88 -6.88 -16.64
N GLU A 159 -4.91 -6.90 -16.61
CA GLU A 159 -5.08 -6.40 -18.00
CA GLU A 159 -5.14 -6.33 -17.95
C GLU A 159 -3.90 -5.55 -18.44
C GLU A 159 -3.88 -5.60 -18.41
N ILE A 160 -3.35 -4.76 -17.52
CA ILE A 160 -2.20 -3.93 -17.85
C ILE A 160 -0.97 -4.75 -18.17
N SER A 161 -0.76 -5.81 -17.40
N SER A 161 -0.77 -5.81 -17.41
CA SER A 161 0.36 -6.70 -17.65
CA SER A 161 0.35 -6.69 -17.63
C SER A 161 0.31 -7.23 -19.07
C SER A 161 0.31 -7.31 -19.03
N GLU A 162 -0.87 -7.68 -19.50
CA GLU A 162 -1.00 -8.25 -20.86
C GLU A 162 -0.65 -7.23 -21.95
N VAL A 163 -0.96 -5.96 -21.70
CA VAL A 163 -0.60 -4.89 -22.62
C VAL A 163 0.92 -4.71 -22.69
N LEU A 164 1.58 -4.80 -21.54
N LEU A 164 1.57 -4.86 -21.53
CA LEU A 164 3.00 -4.53 -21.46
CA LEU A 164 2.98 -4.54 -21.34
C LEU A 164 3.85 -5.70 -21.94
C LEU A 164 3.92 -5.74 -21.44
N ALA A 165 3.36 -6.91 -21.70
CA ALA A 165 4.14 -8.14 -21.69
C ALA A 165 5.37 -8.07 -22.59
N GLY A 166 6.50 -8.21 -21.94
CA GLY A 166 7.78 -8.24 -22.64
C GLY A 166 8.15 -6.94 -23.35
N LYS A 167 7.64 -5.80 -22.90
CA LYS A 167 8.02 -4.52 -23.50
C LYS A 167 8.46 -3.49 -22.45
N ALA A 168 7.73 -3.38 -21.34
CA ALA A 168 8.10 -2.47 -20.25
C ALA A 168 7.91 -3.18 -18.94
N ALA A 169 8.73 -2.82 -17.97
CA ALA A 169 8.58 -3.31 -16.61
C ALA A 169 7.34 -2.72 -15.95
N LEU A 170 6.69 -3.55 -15.14
CA LEU A 170 5.50 -3.17 -14.42
C LEU A 170 5.80 -3.19 -12.94
N HIS A 171 5.79 -1.99 -12.35
CA HIS A 171 5.86 -1.87 -10.91
C HIS A 171 4.47 -1.73 -10.34
N ILE A 172 4.16 -2.55 -9.36
CA ILE A 172 2.88 -2.50 -8.74
C ILE A 172 3.07 -2.22 -7.24
N ASP A 173 2.58 -1.07 -6.79
CA ASP A 173 2.54 -0.75 -5.37
C ASP A 173 1.38 -1.53 -4.77
N ALA A 174 1.69 -2.54 -3.98
CA ALA A 174 0.67 -3.39 -3.37
C ALA A 174 0.50 -3.15 -1.87
N THR A 175 0.98 -2.02 -1.39
CA THR A 175 0.81 -1.61 0.00
C THR A 175 -0.65 -1.69 0.50
N ALA A 176 -1.60 -1.31 -0.34
CA ALA A 176 -3.01 -1.35 0.09
C ALA A 176 -3.70 -2.71 -0.12
N SER A 177 -3.09 -3.59 -0.89
CA SER A 177 -3.79 -4.80 -1.33
C SER A 177 -3.36 -6.04 -0.61
N VAL A 178 -2.07 -6.18 -0.29
CA VAL A 178 -1.64 -7.38 0.39
C VAL A 178 -2.44 -7.55 1.67
N GLY A 179 -3.01 -8.72 1.82
CA GLY A 179 -3.81 -9.07 2.99
C GLY A 179 -5.27 -8.67 2.93
N GLN A 180 -5.63 -8.02 1.84
N GLN A 180 -5.75 -8.11 1.82
CA GLN A 180 -7.00 -7.54 1.61
CA GLN A 180 -7.20 -7.93 1.72
C GLN A 180 -7.65 -8.29 0.45
C GLN A 180 -7.78 -8.17 0.33
N ILE A 181 -6.92 -8.37 -0.67
CA ILE A 181 -7.33 -9.04 -1.89
C ILE A 181 -6.18 -9.98 -2.28
N GLU A 182 -6.41 -10.83 -3.27
CA GLU A 182 -5.37 -11.77 -3.68
C GLU A 182 -4.25 -11.02 -4.39
N VAL A 183 -3.04 -11.25 -3.92
CA VAL A 183 -1.85 -10.66 -4.53
C VAL A 183 -0.87 -11.78 -4.90
N ASP A 184 -0.86 -12.11 -6.18
CA ASP A 184 -0.06 -13.19 -6.76
C ASP A 184 0.69 -12.55 -7.91
N VAL A 185 2.01 -12.38 -7.75
CA VAL A 185 2.78 -11.62 -8.71
C VAL A 185 2.80 -12.31 -10.08
N GLU A 186 2.47 -13.60 -10.13
CA GLU A 186 2.37 -14.27 -11.44
C GLU A 186 1.03 -13.97 -12.11
N LYS A 187 -0.04 -13.92 -11.34
CA LYS A 187 -1.35 -13.57 -11.90
C LYS A 187 -1.38 -12.12 -12.34
N ILE A 188 -0.82 -11.20 -11.55
CA ILE A 188 -0.90 -9.79 -11.92
C ILE A 188 0.29 -9.33 -12.78
N GLY A 189 1.26 -10.22 -13.03
CA GLY A 189 2.35 -9.89 -13.93
C GLY A 189 3.30 -8.80 -13.41
N ALA A 190 3.48 -8.70 -12.11
CA ALA A 190 4.37 -7.69 -11.56
C ALA A 190 5.83 -8.02 -11.86
N ASP A 191 6.60 -7.00 -12.21
CA ASP A 191 8.07 -7.14 -12.27
C ASP A 191 8.75 -6.63 -11.00
N MET A 192 8.09 -5.68 -10.35
CA MET A 192 8.47 -5.21 -9.03
C MET A 192 7.20 -5.01 -8.23
N LEU A 193 7.21 -5.37 -6.95
CA LEU A 193 6.03 -5.29 -6.08
C LEU A 193 6.41 -4.68 -4.73
N THR A 194 5.81 -3.55 -4.39
CA THR A 194 6.01 -2.97 -3.06
C THR A 194 5.09 -3.59 -2.02
N ILE A 195 5.69 -3.92 -0.87
CA ILE A 195 5.00 -4.53 0.27
C ILE A 195 5.35 -3.78 1.56
N SER A 196 4.33 -3.48 2.38
CA SER A 196 4.47 -2.79 3.65
C SER A 196 4.26 -3.77 4.78
N SER A 197 5.17 -3.81 5.75
CA SER A 197 5.04 -4.65 6.91
C SER A 197 3.88 -4.26 7.82
N ASN A 198 3.80 -2.98 8.18
CA ASN A 198 2.76 -2.58 9.12
C ASN A 198 1.34 -2.73 8.55
N LYS A 199 1.19 -2.68 7.23
CA LYS A 199 -0.12 -2.84 6.59
C LYS A 199 -0.66 -4.24 6.78
N ILE A 200 0.24 -5.20 7.08
CA ILE A 200 -0.19 -6.57 7.47
C ILE A 200 0.10 -6.88 8.94
N TYR A 201 -0.01 -5.85 9.75
CA TYR A 201 0.14 -5.89 11.23
C TYR A 201 1.50 -6.33 11.70
N GLY A 202 2.48 -6.17 10.82
CA GLY A 202 3.86 -6.30 11.24
C GLY A 202 4.35 -5.00 11.84
N PRO A 203 5.61 -5.00 12.26
CA PRO A 203 6.23 -3.75 12.76
C PRO A 203 6.38 -2.69 11.68
N LYS A 204 6.22 -1.44 12.12
CA LYS A 204 6.54 -0.28 11.31
C LYS A 204 8.04 -0.34 11.05
N GLY A 205 8.51 0.40 10.06
CA GLY A 205 9.94 0.61 9.90
C GLY A 205 10.63 -0.45 9.04
N VAL A 206 9.83 -1.33 8.44
CA VAL A 206 10.34 -2.35 7.51
C VAL A 206 9.29 -2.57 6.41
N GLY A 207 9.77 -2.94 5.24
CA GLY A 207 8.93 -3.41 4.15
C GLY A 207 9.78 -4.09 3.12
N ALA A 208 9.26 -4.27 1.91
CA ALA A 208 10.07 -4.88 0.88
C ALA A 208 9.68 -4.44 -0.50
N LEU A 209 10.66 -4.59 -1.39
CA LEU A 209 10.40 -4.62 -2.81
C LEU A 209 10.70 -5.98 -3.33
N TRP A 210 9.69 -6.67 -3.86
CA TRP A 210 9.92 -7.94 -4.52
C TRP A 210 10.28 -7.60 -5.93
N ILE A 211 11.35 -8.24 -6.43
CA ILE A 211 11.88 -7.95 -7.75
C ILE A 211 11.96 -9.24 -8.56
N ARG A 212 11.34 -9.26 -9.73
CA ARG A 212 11.35 -10.46 -10.58
C ARG A 212 12.75 -10.80 -11.12
N LYS A 213 13.10 -12.09 -11.18
CA LYS A 213 14.39 -12.49 -11.72
C LYS A 213 14.70 -11.83 -13.08
N GLU A 214 15.94 -11.35 -13.22
CA GLU A 214 16.48 -10.67 -14.42
C GLU A 214 16.06 -9.20 -14.52
N ALA A 215 15.20 -8.73 -13.62
CA ALA A 215 15.00 -7.29 -13.47
C ALA A 215 16.21 -6.69 -12.75
N LYS A 216 16.91 -5.76 -13.39
CA LYS A 216 18.08 -5.12 -12.75
C LYS A 216 17.77 -3.74 -12.19
N LEU A 217 18.21 -3.49 -10.95
CA LEU A 217 18.07 -2.22 -10.25
C LEU A 217 19.43 -1.69 -9.82
N GLN A 218 19.50 -0.37 -9.75
CA GLN A 218 20.61 0.33 -9.13
C GLN A 218 20.23 0.59 -7.68
N PRO A 219 21.13 0.31 -6.75
CA PRO A 219 20.73 0.57 -5.36
C PRO A 219 20.51 2.04 -5.09
N VAL A 220 19.66 2.38 -4.13
N VAL A 220 19.71 2.33 -4.06
CA VAL A 220 19.60 3.77 -3.68
CA VAL A 220 19.39 3.70 -3.63
C VAL A 220 20.48 3.97 -2.44
C VAL A 220 20.04 4.07 -2.27
N ILE A 221 20.42 3.05 -1.50
CA ILE A 221 21.16 3.21 -0.24
C ILE A 221 22.49 2.46 -0.39
N LEU A 222 23.60 3.18 -0.24
CA LEU A 222 24.94 2.66 -0.54
C LEU A 222 25.69 2.40 0.75
N GLY A 223 26.53 1.37 0.76
CA GLY A 223 27.27 1.02 1.94
C GLY A 223 27.88 -0.37 1.90
N GLY A 224 27.60 -1.15 2.93
CA GLY A 224 28.25 -2.44 3.13
C GLY A 224 27.80 -3.55 2.22
N GLY A 225 26.86 -3.26 1.32
CA GLY A 225 26.47 -4.23 0.30
C GLY A 225 25.49 -5.32 0.72
N GLN A 226 24.81 -5.14 1.84
CA GLN A 226 23.71 -6.04 2.21
C GLN A 226 22.60 -6.09 1.15
N GLU A 227 21.66 -7.00 1.34
CA GLU A 227 20.61 -7.30 0.35
C GLU A 227 21.18 -7.50 -1.06
N ASN A 228 22.24 -8.30 -1.14
CA ASN A 228 22.93 -8.62 -2.37
C ASN A 228 23.32 -7.37 -3.16
N GLY A 229 23.75 -6.34 -2.43
CA GLY A 229 24.18 -5.08 -3.01
C GLY A 229 23.06 -4.05 -3.24
N LEU A 230 21.81 -4.45 -3.18
CA LEU A 230 20.75 -3.54 -3.58
C LEU A 230 20.30 -2.57 -2.50
N ARG A 231 20.61 -2.87 -1.25
CA ARG A 231 20.15 -2.06 -0.13
CA ARG A 231 20.15 -2.05 -0.13
C ARG A 231 21.04 -2.25 1.09
N SER A 232 22.07 -1.40 1.20
CA SER A 232 23.03 -1.52 2.26
C SER A 232 22.51 -1.12 3.62
N GLY A 233 23.20 -1.66 4.63
CA GLY A 233 22.91 -1.35 6.03
C GLY A 233 22.78 -2.66 6.78
N SER A 234 23.25 -2.70 8.03
CA SER A 234 23.13 -3.86 8.91
C SER A 234 21.67 -4.29 9.03
N GLU A 235 21.37 -5.58 8.93
CA GLU A 235 19.97 -5.98 8.90
C GLU A 235 19.25 -5.68 10.20
N ASN A 236 18.03 -5.17 10.09
CA ASN A 236 17.18 -4.99 11.26
C ASN A 236 16.46 -6.29 11.47
N VAL A 237 17.14 -7.22 12.15
CA VAL A 237 16.67 -8.58 12.23
C VAL A 237 15.31 -8.71 12.96
N PRO A 238 15.12 -7.99 14.07
CA PRO A 238 13.84 -8.12 14.76
C PRO A 238 12.67 -7.68 13.85
N SER A 239 12.80 -6.59 13.10
CA SER A 239 11.69 -6.11 12.28
C SER A 239 11.46 -7.05 11.09
N ILE A 240 12.53 -7.58 10.52
CA ILE A 240 12.48 -8.54 9.44
C ILE A 240 11.73 -9.78 9.91
N VAL A 241 12.07 -10.27 11.09
CA VAL A 241 11.42 -11.45 11.62
C VAL A 241 9.92 -11.17 11.86
N GLY A 242 9.58 -9.99 12.39
CA GLY A 242 8.18 -9.68 12.61
C GLY A 242 7.42 -9.63 11.28
N PHE A 243 8.02 -8.99 10.29
CA PHE A 243 7.48 -8.92 8.92
C PHE A 243 7.22 -10.33 8.40
N GLY A 244 8.21 -11.21 8.58
CA GLY A 244 8.03 -12.57 8.17
C GLY A 244 6.88 -13.26 8.85
N LYS A 245 6.79 -13.08 10.17
CA LYS A 245 5.69 -13.68 10.91
C LYS A 245 4.36 -13.09 10.37
N ALA A 246 4.34 -11.79 10.14
CA ALA A 246 3.11 -11.16 9.66
C ALA A 246 2.67 -11.80 8.34
N ALA A 247 3.64 -12.06 7.47
CA ALA A 247 3.37 -12.60 6.16
C ALA A 247 2.79 -14.00 6.27
N GLU A 248 3.34 -14.78 7.19
CA GLU A 248 2.88 -16.13 7.36
C GLU A 248 1.44 -16.18 7.88
N ILE A 249 1.17 -15.30 8.85
CA ILE A 249 -0.13 -15.18 9.47
C ILE A 249 -1.12 -14.69 8.42
N THR A 250 -0.73 -13.67 7.66
CA THR A 250 -1.59 -13.12 6.62
C THR A 250 -1.94 -14.17 5.54
N ALA A 251 -1.00 -15.02 5.18
CA ALA A 251 -1.26 -16.06 4.19
C ALA A 251 -2.35 -16.96 4.67
N MET A 252 -2.35 -17.25 5.97
CA MET A 252 -3.33 -18.14 6.52
C MET A 252 -4.69 -17.50 6.80
N GLU A 253 -4.71 -16.21 7.14
CA GLU A 253 -5.91 -15.59 7.71
C GLU A 253 -6.57 -14.53 6.84
N TRP A 254 -5.94 -14.13 5.74
CA TRP A 254 -6.40 -12.91 5.08
C TRP A 254 -7.79 -13.08 4.44
N ARG A 255 -8.10 -14.26 3.91
N ARG A 255 -8.10 -14.26 3.90
CA ARG A 255 -9.39 -14.46 3.24
C ARG A 255 -10.55 -14.29 4.22
C ARG A 255 -10.56 -14.30 4.22
N GLU A 256 -10.41 -14.89 5.40
CA GLU A 256 -11.41 -14.74 6.43
C GLU A 256 -11.47 -13.30 6.90
N GLU A 257 -10.31 -12.66 7.06
CA GLU A 257 -10.32 -11.28 7.56
C GLU A 257 -10.96 -10.35 6.56
N ALA A 258 -10.61 -10.49 5.29
CA ALA A 258 -11.24 -9.72 4.22
C ALA A 258 -12.79 -9.79 4.20
N GLU A 259 -13.33 -11.00 4.37
N GLU A 259 -13.32 -10.99 4.38
CA GLU A 259 -14.78 -11.16 4.42
CA GLU A 259 -14.76 -11.18 4.41
C GLU A 259 -15.39 -10.42 5.61
C GLU A 259 -15.39 -10.46 5.61
N ARG A 260 -14.72 -10.51 6.75
CA ARG A 260 -15.18 -9.85 7.98
C ARG A 260 -15.19 -8.34 7.76
N LEU A 261 -14.12 -7.83 7.19
CA LEU A 261 -14.03 -6.39 6.95
CA LEU A 261 -13.99 -6.39 6.89
C LEU A 261 -15.09 -5.95 5.95
N ARG A 262 -15.29 -6.74 4.90
N ARG A 262 -15.31 -6.76 4.92
CA ARG A 262 -16.35 -6.46 3.92
CA ARG A 262 -16.32 -6.52 3.91
C ARG A 262 -17.70 -6.35 4.59
C ARG A 262 -17.69 -6.41 4.55
N ARG A 263 -17.93 -7.22 5.57
CA ARG A 263 -19.20 -7.23 6.26
C ARG A 263 -19.41 -5.89 6.99
N LEU A 264 -18.37 -5.44 7.69
CA LEU A 264 -18.40 -4.14 8.38
C LEU A 264 -18.44 -2.95 7.43
N ARG A 265 -17.59 -2.99 6.40
CA ARG A 265 -17.61 -1.96 5.35
C ARG A 265 -19.00 -1.75 4.73
N ASP A 266 -19.66 -2.85 4.35
CA ASP A 266 -20.94 -2.73 3.67
C ASP A 266 -22.00 -2.18 4.60
N ARG A 267 -21.96 -2.55 5.88
CA ARG A 267 -22.84 -1.98 6.89
C ARG A 267 -22.69 -0.47 6.92
N ILE A 268 -21.43 -0.03 6.89
CA ILE A 268 -21.14 1.38 7.00
C ILE A 268 -21.69 2.09 5.77
N ILE A 269 -21.33 1.61 4.59
CA ILE A 269 -21.68 2.26 3.35
C ILE A 269 -23.18 2.32 3.19
N ASP A 270 -23.87 1.20 3.43
CA ASP A 270 -25.35 1.15 3.25
C ASP A 270 -26.01 2.24 4.10
N ASN A 271 -25.49 2.43 5.30
CA ASN A 271 -26.15 3.34 6.24
C ASN A 271 -25.71 4.77 6.14
N VAL A 272 -24.42 4.99 5.91
CA VAL A 272 -23.93 6.34 5.71
C VAL A 272 -24.56 6.97 4.49
N LEU A 273 -24.78 6.19 3.43
CA LEU A 273 -25.36 6.78 2.23
C LEU A 273 -26.82 7.09 2.37
N LYS A 274 -27.44 6.69 3.49
CA LYS A 274 -28.79 7.12 3.80
C LYS A 274 -28.79 8.62 4.13
N ILE A 275 -27.64 9.15 4.52
CA ILE A 275 -27.56 10.58 4.82
C ILE A 275 -27.79 11.41 3.54
N GLU A 276 -28.60 12.46 3.63
CA GLU A 276 -28.88 13.28 2.45
C GLU A 276 -27.59 13.87 1.85
N GLU A 277 -27.54 13.88 0.52
CA GLU A 277 -26.41 14.45 -0.23
C GLU A 277 -25.10 13.92 0.26
N SER A 278 -25.06 12.59 0.32
CA SER A 278 -23.84 11.84 0.61
C SER A 278 -23.42 11.08 -0.64
N TYR A 279 -22.12 10.93 -0.85
CA TYR A 279 -21.60 10.33 -2.08
C TYR A 279 -20.39 9.51 -1.81
N LEU A 280 -20.40 8.30 -2.34
CA LEU A 280 -19.23 7.44 -2.29
C LEU A 280 -18.15 7.85 -3.31
N ASN A 281 -16.92 7.90 -2.85
CA ASN A 281 -15.76 8.07 -3.72
C ASN A 281 -15.11 6.73 -4.00
N GLY A 282 -14.56 6.55 -5.19
CA GLY A 282 -14.04 5.27 -5.61
C GLY A 282 -15.11 4.29 -6.05
N HIS A 283 -14.66 3.18 -6.62
CA HIS A 283 -15.59 2.24 -7.23
C HIS A 283 -16.42 1.56 -6.16
N PRO A 284 -17.71 1.38 -6.42
CA PRO A 284 -18.52 0.80 -5.34
C PRO A 284 -18.41 -0.74 -5.19
N GLU A 285 -17.85 -1.47 -6.15
CA GLU A 285 -17.77 -2.93 -6.05
C GLU A 285 -16.32 -3.44 -6.22
N LYS A 286 -15.61 -2.90 -7.19
CA LYS A 286 -14.22 -3.21 -7.40
C LYS A 286 -13.40 -2.42 -6.40
N ARG A 287 -13.49 -2.84 -5.14
CA ARG A 287 -13.10 -2.01 -4.01
C ARG A 287 -12.50 -2.86 -2.88
N LEU A 288 -11.45 -2.36 -2.26
CA LEU A 288 -10.87 -3.00 -1.09
C LEU A 288 -11.90 -3.21 -0.01
N PRO A 289 -11.87 -4.38 0.65
CA PRO A 289 -12.80 -4.71 1.74
C PRO A 289 -12.76 -3.76 2.92
N ASN A 290 -11.70 -2.96 3.06
CA ASN A 290 -11.54 -2.18 4.28
C ASN A 290 -11.79 -0.67 4.11
N ASN A 291 -12.30 -0.26 2.96
CA ASN A 291 -12.28 1.15 2.61
C ASN A 291 -13.66 1.76 2.45
N VAL A 292 -13.92 2.85 3.19
CA VAL A 292 -15.14 3.63 3.02
C VAL A 292 -14.71 5.07 2.87
N ASN A 293 -14.89 5.63 1.67
CA ASN A 293 -14.56 7.02 1.38
C ASN A 293 -15.79 7.71 0.85
N VAL A 294 -16.32 8.60 1.68
CA VAL A 294 -17.59 9.28 1.40
CA VAL A 294 -17.59 9.28 1.41
C VAL A 294 -17.44 10.78 1.57
N ARG A 295 -18.11 11.55 0.72
CA ARG A 295 -18.15 13.00 0.87
C ARG A 295 -19.57 13.50 1.09
N PHE A 296 -19.66 14.68 1.69
CA PHE A 296 -20.92 15.28 2.08
C PHE A 296 -20.97 16.72 1.62
N SER A 297 -22.03 17.08 0.94
CA SER A 297 -22.24 18.44 0.51
C SER A 297 -22.32 19.39 1.69
N TYR A 298 -21.70 20.56 1.51
CA TYR A 298 -21.80 21.71 2.43
C TYR A 298 -20.92 21.59 3.67
N ILE A 299 -20.03 20.60 3.65
CA ILE A 299 -19.28 20.24 4.84
C ILE A 299 -17.79 20.15 4.52
N GLU A 300 -16.97 20.37 5.55
N GLU A 300 -16.96 20.36 5.52
CA GLU A 300 -15.53 20.15 5.51
CA GLU A 300 -15.52 20.13 5.39
C GLU A 300 -15.18 18.81 6.14
C GLU A 300 -15.12 18.86 6.14
N GLY A 301 -14.38 17.99 5.44
CA GLY A 301 -13.92 16.74 5.99
C GLY A 301 -13.21 16.90 7.32
N GLU A 302 -12.38 17.95 7.42
CA GLU A 302 -11.59 18.19 8.63
C GLU A 302 -12.48 18.36 9.85
N SER A 303 -13.62 19.06 9.71
CA SER A 303 -14.52 19.21 10.83
C SER A 303 -15.26 17.93 11.19
N ILE A 304 -15.48 17.07 10.20
CA ILE A 304 -16.06 15.77 10.51
C ILE A 304 -15.04 15.04 11.36
N VAL A 305 -13.81 15.03 10.89
CA VAL A 305 -12.76 14.30 11.58
C VAL A 305 -12.59 14.84 13.00
N LEU A 306 -12.69 16.17 13.15
CA LEU A 306 -12.57 16.76 14.47
C LEU A 306 -13.72 16.29 15.34
N SER A 307 -14.94 16.44 14.82
CA SER A 307 -16.10 16.05 15.58
C SER A 307 -16.05 14.57 15.98
N LEU A 308 -15.58 13.72 15.06
CA LEU A 308 -15.51 12.31 15.35
C LEU A 308 -14.48 12.04 16.44
N ASP A 309 -13.33 12.71 16.38
CA ASP A 309 -12.28 12.63 17.40
CA ASP A 309 -12.33 12.49 17.42
C ASP A 309 -12.87 12.95 18.77
N MET A 310 -13.62 14.04 18.80
CA MET A 310 -14.18 14.48 20.07
C MET A 310 -15.10 13.42 20.65
N ALA A 311 -15.74 12.62 19.78
CA ALA A 311 -16.58 11.50 20.22
C ALA A 311 -15.82 10.18 20.32
N GLY A 312 -14.50 10.23 20.18
CA GLY A 312 -13.68 9.05 20.41
C GLY A 312 -13.63 8.11 19.23
N ILE A 313 -13.74 8.68 18.04
CA ILE A 313 -13.69 7.92 16.80
C ILE A 313 -12.60 8.51 15.93
N GLN A 314 -11.64 7.68 15.51
CA GLN A 314 -10.55 8.16 14.67
C GLN A 314 -10.74 7.84 13.22
N ALA A 315 -10.55 8.86 12.41
CA ALA A 315 -10.81 8.80 10.99
C ALA A 315 -9.87 9.77 10.33
N SER A 316 -10.03 9.93 9.03
CA SER A 316 -9.14 10.71 8.22
C SER A 316 -9.93 11.45 7.15
N THR A 317 -9.29 12.37 6.44
N THR A 317 -9.23 12.35 6.48
CA THR A 317 -9.88 12.96 5.23
CA THR A 317 -9.74 13.09 5.33
C THR A 317 -9.22 12.38 3.98
C THR A 317 -8.98 12.65 4.07
N GLY A 318 -8.15 11.61 4.20
CA GLY A 318 -7.32 11.13 3.11
C GLY A 318 -5.86 11.04 3.54
N GLN A 327 -4.20 22.28 0.02
CA GLN A 327 -3.89 21.39 -1.10
C GLN A 327 -4.73 20.12 -1.06
N PRO A 328 -5.75 20.00 -1.94
CA PRO A 328 -6.63 18.84 -1.82
C PRO A 328 -5.96 17.56 -2.33
N SER A 329 -6.52 16.41 -1.95
CA SER A 329 -5.99 15.11 -2.35
C SER A 329 -5.74 15.05 -3.86
N HIS A 330 -4.53 14.69 -4.29
CA HIS A 330 -4.25 14.56 -5.73
C HIS A 330 -5.08 13.40 -6.34
N VAL A 331 -5.46 12.43 -5.52
CA VAL A 331 -6.26 11.29 -5.98
C VAL A 331 -7.68 11.71 -6.33
N LEU A 332 -8.31 12.43 -5.41
CA LEU A 332 -9.66 12.94 -5.63
C LEU A 332 -9.73 13.95 -6.78
N MET A 333 -8.70 14.77 -6.91
CA MET A 333 -8.68 15.71 -8.02
C MET A 333 -8.48 14.96 -9.33
N ALA A 334 -7.70 13.88 -9.32
CA ALA A 334 -7.51 13.10 -10.54
C ALA A 334 -8.81 12.42 -10.99
N CYS A 335 -9.64 12.01 -10.04
CA CYS A 335 -10.97 11.46 -10.37
C CYS A 335 -11.93 12.53 -10.87
N GLY A 336 -11.52 13.79 -10.79
CA GLY A 336 -12.32 14.87 -11.34
C GLY A 336 -13.22 15.59 -10.35
N LEU A 337 -13.00 15.41 -9.06
CA LEU A 337 -13.78 16.14 -8.07
C LEU A 337 -13.42 17.64 -8.10
N LYS A 338 -14.40 18.49 -7.78
CA LYS A 338 -14.14 19.91 -7.57
C LYS A 338 -13.50 20.12 -6.21
N HIS A 339 -12.76 21.21 -6.04
CA HIS A 339 -12.14 21.52 -4.75
C HIS A 339 -13.16 21.33 -3.62
N GLU A 340 -14.31 21.99 -3.71
CA GLU A 340 -15.35 21.93 -2.69
C GLU A 340 -15.85 20.51 -2.38
N GLU A 341 -15.90 19.66 -3.40
CA GLU A 341 -16.37 18.28 -3.23
C GLU A 341 -15.33 17.45 -2.46
N ALA A 342 -14.08 17.61 -2.85
CA ALA A 342 -12.99 16.85 -2.23
C ALA A 342 -12.75 17.29 -0.77
N HIS A 343 -13.10 18.55 -0.45
CA HIS A 343 -12.92 19.06 0.91
C HIS A 343 -13.92 18.43 1.88
N GLY A 344 -15.04 17.91 1.38
CA GLY A 344 -16.04 17.30 2.24
C GLY A 344 -15.89 15.80 2.44
N THR A 345 -14.67 15.29 2.30
N THR A 345 -14.68 15.27 2.26
CA THR A 345 -14.45 13.84 2.27
CA THR A 345 -14.49 13.83 2.29
C THR A 345 -14.02 13.24 3.61
C THR A 345 -14.14 13.31 3.68
N LEU A 346 -14.65 12.11 3.96
CA LEU A 346 -14.35 11.37 5.17
C LEU A 346 -13.87 9.99 4.77
N LEU A 347 -12.74 9.59 5.33
CA LEU A 347 -12.11 8.31 5.04
C LEU A 347 -12.08 7.47 6.30
N LEU A 348 -12.85 6.40 6.24
CA LEU A 348 -12.90 5.38 7.28
C LEU A 348 -12.23 4.13 6.72
N THR A 349 -11.15 3.72 7.38
CA THR A 349 -10.49 2.48 6.97
C THR A 349 -10.45 1.48 8.12
N LEU A 350 -10.86 0.26 7.82
CA LEU A 350 -11.11 -0.78 8.82
C LEU A 350 -9.93 -1.75 8.95
N GLY A 351 -9.94 -2.55 10.01
CA GLY A 351 -8.84 -3.44 10.28
C GLY A 351 -9.17 -4.50 11.28
N ARG A 352 -8.13 -5.28 11.55
CA ARG A 352 -8.23 -6.57 12.19
C ARG A 352 -8.99 -6.50 13.49
N TYR A 353 -8.90 -5.37 14.18
CA TYR A 353 -9.49 -5.27 15.51
C TYR A 353 -10.81 -4.53 15.57
N ASN A 354 -11.31 -4.05 14.42
CA ASN A 354 -12.64 -3.45 14.41
C ASN A 354 -13.71 -4.48 14.78
N THR A 355 -14.75 -4.02 15.48
CA THR A 355 -15.89 -4.83 15.87
C THR A 355 -17.20 -4.25 15.37
N ASP A 356 -18.26 -5.03 15.45
CA ASP A 356 -19.61 -4.53 15.13
C ASP A 356 -19.99 -3.33 16.02
N GLU A 357 -19.50 -3.36 17.24
CA GLU A 357 -19.75 -2.28 18.19
C GLU A 357 -19.09 -0.99 17.70
N ASP A 358 -17.89 -1.06 17.15
CA ASP A 358 -17.28 0.10 16.53
C ASP A 358 -18.21 0.69 15.47
N VAL A 359 -18.73 -0.19 14.63
CA VAL A 359 -19.56 0.28 13.54
C VAL A 359 -20.85 0.83 14.10
N ASP A 360 -21.38 0.19 15.15
CA ASP A 360 -22.57 0.69 15.80
C ASP A 360 -22.33 2.13 16.24
N ARG A 361 -21.16 2.30 16.86
CA ARG A 361 -20.77 3.56 17.45
C ARG A 361 -20.62 4.60 16.35
N LEU A 362 -19.91 4.27 15.28
CA LEU A 362 -19.80 5.20 14.17
C LEU A 362 -21.18 5.64 13.66
N LEU A 363 -22.06 4.66 13.46
CA LEU A 363 -23.36 4.92 12.88
C LEU A 363 -24.29 5.66 13.82
N GLU A 364 -24.02 5.63 15.11
CA GLU A 364 -24.87 6.38 16.03
CA GLU A 364 -24.83 6.36 16.07
C GLU A 364 -24.47 7.84 16.06
N VAL A 365 -23.19 8.11 15.86
CA VAL A 365 -22.63 9.44 16.01
C VAL A 365 -22.67 10.26 14.73
N LEU A 366 -22.28 9.63 13.63
CA LEU A 366 -22.00 10.35 12.39
C LEU A 366 -23.17 11.17 11.85
N PRO A 367 -24.40 10.62 11.85
CA PRO A 367 -25.50 11.44 11.29
C PRO A 367 -25.69 12.76 12.02
N GLY A 368 -25.56 12.75 13.34
CA GLY A 368 -25.71 14.00 14.07
C GLY A 368 -24.54 14.95 13.83
N VAL A 369 -23.36 14.39 13.59
CA VAL A 369 -22.19 15.19 13.29
C VAL A 369 -22.42 15.93 11.97
N ILE A 370 -22.96 15.22 10.99
CA ILE A 370 -23.19 15.83 9.70
C ILE A 370 -24.25 16.94 9.83
N GLU A 371 -25.26 16.69 10.64
CA GLU A 371 -26.35 17.65 10.83
C GLU A 371 -25.82 18.95 11.46
N ARG A 372 -24.99 18.83 12.48
CA ARG A 372 -24.50 20.00 13.18
C ARG A 372 -23.63 20.82 12.23
N LEU A 373 -22.74 20.17 11.50
CA LEU A 373 -21.85 20.91 10.61
C LEU A 373 -22.59 21.56 9.46
N ARG A 374 -23.69 20.93 9.03
CA ARG A 374 -24.52 21.55 8.02
C ARG A 374 -25.32 22.75 8.59
N SER A 375 -25.72 22.66 9.86
CA SER A 375 -26.38 23.82 10.50
C SER A 375 -25.50 25.06 10.40
N MET A 376 -24.21 24.84 10.28
CA MET A 376 -23.25 25.92 10.26
C MET A 376 -22.97 26.46 8.86
N SER A 377 -23.47 25.79 7.83
CA SER A 377 -23.13 26.20 6.47
C SER A 377 -24.06 27.29 5.95
N PRO A 378 -23.49 28.37 5.37
CA PRO A 378 -24.31 29.45 4.82
C PRO A 378 -25.10 29.02 3.59
#